data_4UGR
#
_entry.id   4UGR
#
_cell.length_a   80.340
_cell.length_b   95.220
_cell.length_c   63.000
_cell.angle_alpha   90.00
_cell.angle_beta   90.00
_cell.angle_gamma   90.00
#
_symmetry.space_group_name_H-M   'P 21 21 2'
#
loop_
_entity.id
_entity.type
_entity.pdbx_description
1 polymer 'NITRIC OXIDE SYNTHASE OXYGENASE'
2 non-polymer 'PROTOPORPHYRIN IX CONTAINING FE'
3 non-polymer 5,6,7,8-TETRAHYDROBIOPTERIN
4 non-polymer 'CHLORIDE ION'
5 non-polymer N-[3-({[(3S,5S)-5-{[(3-{[(Z)-imino(thiophen-2-yl)methyl]amino}benzyl)oxy]methyl}pyrrolidin-3-yl]oxy}methyl)phenyl]thiophene-2-carboximidamide
6 non-polymer GLYCEROL
7 water water
#
_entity_poly.entity_id   1
_entity_poly.type   'polypeptide(L)'
_entity_poly.pdbx_seq_one_letter_code
;MEEKEILWNEAKAFIAACYQELGKAAEVKDRLADIKSEIDLTGSYVHTKEELEHGAKMAWRNSNRCIGRLFWNSLNVIDR
RDVRTKEEVRDALFHHIETATNNGKIRPTITIFPPEEKGEKQVEIWNHQLIRYAGYESDGERIGDPASCSLTAACEELGW
RGERTDFDLLPLIFRMKGDEQPVWYELPRSLVIEVPITHPDIEAFSDLELKWYGVPIISDMKLEVGGIHYNAAPFNGWYM
GTEIGARNLADEKRYDKLKKVASVIGIAADYNTDLWKDQALVELNKAVLHSYKKQGVSIVDHHTAASQFKRFEEQAEEAG
RKLTGDWTWLIPPISPAATHIFHRSYDNSIVKPNYFYQDKPYE
;
_entity_poly.pdbx_strand_id   A
#
# COMPACT_ATOMS: atom_id res chain seq x y z
N GLU A 2 -4.65 10.85 -30.60
CA GLU A 2 -5.45 10.60 -29.41
C GLU A 2 -4.62 10.61 -28.12
N GLU A 3 -3.46 9.95 -28.13
CA GLU A 3 -2.63 9.83 -26.93
C GLU A 3 -2.22 11.19 -26.38
N LYS A 4 -1.82 12.08 -27.28
CA LYS A 4 -1.42 13.43 -26.89
C LYS A 4 -2.64 14.26 -26.49
N GLU A 5 -3.78 13.93 -27.07
CA GLU A 5 -5.01 14.62 -26.75
C GLU A 5 -5.57 14.17 -25.40
N ILE A 6 -5.38 12.88 -25.10
CA ILE A 6 -5.78 12.36 -23.79
C ILE A 6 -4.97 13.08 -22.71
N LEU A 7 -3.69 13.32 -23.01
CA LEU A 7 -2.77 13.95 -22.04
C LEU A 7 -3.22 15.37 -21.72
N TRP A 8 -3.55 16.15 -22.75
CA TRP A 8 -3.93 17.55 -22.58
C TRP A 8 -5.26 17.67 -21.85
N ASN A 9 -6.20 16.80 -22.16
CA ASN A 9 -7.50 16.85 -21.51
C ASN A 9 -7.36 16.59 -20.02
N GLU A 10 -6.55 15.60 -19.66
CA GLU A 10 -6.32 15.26 -18.25
C GLU A 10 -5.57 16.40 -17.56
N ALA A 11 -4.62 17.01 -18.27
CA ALA A 11 -3.80 18.07 -17.68
C ALA A 11 -4.68 19.27 -17.36
N LYS A 12 -5.56 19.62 -18.29
CA LYS A 12 -6.52 20.72 -18.10
C LYS A 12 -7.42 20.49 -16.89
N ALA A 13 -7.96 19.29 -16.76
CA ALA A 13 -8.87 19.00 -15.65
C ALA A 13 -8.10 19.00 -14.34
N PHE A 14 -6.92 18.41 -14.34
CA PHE A 14 -6.12 18.34 -13.12
C PHE A 14 -5.66 19.72 -12.62
N ILE A 15 -5.08 20.53 -13.51
CA ILE A 15 -4.55 21.83 -13.13
C ILE A 15 -5.62 22.79 -12.61
N ALA A 16 -6.79 22.79 -13.24
CA ALA A 16 -7.91 23.61 -12.75
C ALA A 16 -8.26 23.21 -11.31
N ALA A 17 -8.57 21.93 -11.11
CA ALA A 17 -8.98 21.45 -9.79
C ALA A 17 -7.90 21.68 -8.73
N CYS A 18 -6.67 21.29 -9.04
CA CYS A 18 -5.54 21.44 -8.12
C CYS A 18 -5.28 22.90 -7.72
N TYR A 19 -5.20 23.80 -8.71
CA TYR A 19 -4.92 25.21 -8.44
C TYR A 19 -6.08 25.84 -7.69
N GLN A 20 -7.29 25.42 -8.03
CA GLN A 20 -8.49 25.85 -7.31
C GLN A 20 -8.38 25.50 -5.82
N GLU A 21 -7.91 24.29 -5.52
CA GLU A 21 -7.76 23.83 -4.14
C GLU A 21 -6.64 24.58 -3.41
N LEU A 22 -5.62 24.98 -4.16
CA LEU A 22 -4.46 25.65 -3.56
C LEU A 22 -4.63 27.16 -3.59
N GLY A 23 -5.84 27.62 -3.90
CA GLY A 23 -6.14 29.04 -4.01
C GLY A 23 -5.42 29.74 -5.16
N LYS A 24 -4.89 28.97 -6.11
CA LYS A 24 -4.09 29.53 -7.19
C LYS A 24 -4.87 29.69 -8.49
N ALA A 25 -6.19 29.81 -8.40
CA ALA A 25 -7.05 29.84 -9.58
C ALA A 25 -6.60 30.84 -10.66
N ALA A 26 -6.08 31.98 -10.25
CA ALA A 26 -5.68 33.01 -11.20
C ALA A 26 -4.54 32.54 -12.11
N GLU A 27 -3.79 31.54 -11.65
CA GLU A 27 -2.60 31.09 -12.37
C GLU A 27 -2.85 29.95 -13.34
N VAL A 28 -4.07 29.44 -13.33
CA VAL A 28 -4.44 28.33 -14.19
C VAL A 28 -4.21 28.66 -15.69
N LYS A 29 -4.62 29.86 -16.10
CA LYS A 29 -4.59 30.19 -17.53
C LYS A 29 -3.18 30.16 -18.12
N ASP A 30 -2.25 30.86 -17.47
CA ASP A 30 -0.87 30.87 -17.90
C ASP A 30 -0.22 29.49 -17.81
N ARG A 31 -0.51 28.76 -16.73
CA ARG A 31 0.11 27.45 -16.54
C ARG A 31 -0.35 26.50 -17.64
N LEU A 32 -1.64 26.53 -17.93
CA LEU A 32 -2.20 25.72 -19.02
C LEU A 32 -1.54 26.06 -20.37
N ALA A 33 -1.19 27.33 -20.57
CA ALA A 33 -0.58 27.75 -21.82
C ALA A 33 0.80 27.11 -21.92
N ASP A 34 1.57 27.24 -20.83
CA ASP A 34 2.91 26.68 -20.78
C ASP A 34 2.86 25.19 -21.04
N ILE A 35 1.93 24.51 -20.39
CA ILE A 35 1.78 23.06 -20.52
C ILE A 35 1.49 22.65 -21.96
N LYS A 36 0.60 23.39 -22.63
CA LYS A 36 0.23 23.05 -24.00
C LYS A 36 1.40 23.18 -24.97
N SER A 37 2.22 24.22 -24.79
CA SER A 37 3.42 24.38 -25.61
C SER A 37 4.36 23.22 -25.36
N GLU A 38 4.49 22.84 -24.09
CA GLU A 38 5.43 21.79 -23.71
C GLU A 38 4.98 20.45 -24.30
N ILE A 39 3.68 20.17 -24.25
CA ILE A 39 3.17 18.94 -24.83
C ILE A 39 3.43 18.95 -26.35
N ASP A 40 3.19 20.09 -26.98
CA ASP A 40 3.48 20.23 -28.42
C ASP A 40 4.96 20.02 -28.74
N LEU A 41 5.84 20.58 -27.91
CA LEU A 41 7.26 20.50 -28.15
C LEU A 41 7.84 19.12 -27.81
N THR A 42 7.50 18.60 -26.63
CA THR A 42 8.18 17.42 -26.08
C THR A 42 7.30 16.17 -26.06
N GLY A 43 6.00 16.33 -26.24
CA GLY A 43 5.10 15.19 -26.20
C GLY A 43 4.65 14.89 -24.77
N SER A 44 5.10 15.71 -23.83
CA SER A 44 4.67 15.58 -22.44
C SER A 44 4.86 16.90 -21.69
N TYR A 45 4.62 16.89 -20.38
CA TYR A 45 4.90 18.05 -19.53
C TYR A 45 5.39 17.62 -18.14
N VAL A 46 6.01 18.55 -17.43
CA VAL A 46 6.61 18.25 -16.13
C VAL A 46 5.84 18.94 -15.03
N HIS A 47 5.50 18.21 -13.96
CA HIS A 47 4.76 18.82 -12.86
C HIS A 47 5.69 19.68 -12.02
N THR A 48 5.15 20.75 -11.46
CA THR A 48 5.86 21.52 -10.44
C THR A 48 5.82 20.67 -9.17
N LYS A 49 6.66 20.98 -8.20
CA LYS A 49 6.69 20.18 -6.96
C LYS A 49 5.36 20.30 -6.22
N GLU A 50 4.77 21.50 -6.30
CA GLU A 50 3.48 21.73 -5.65
C GLU A 50 2.37 20.93 -6.32
N GLU A 51 2.39 20.85 -7.65
CA GLU A 51 1.41 20.03 -8.36
C GLU A 51 1.60 18.56 -8.02
N LEU A 52 2.85 18.12 -7.98
CA LEU A 52 3.15 16.70 -7.81
C LEU A 52 2.69 16.28 -6.42
N GLU A 53 3.10 17.05 -5.43
CA GLU A 53 2.68 16.78 -4.05
C GLU A 53 1.17 16.76 -3.88
N HIS A 54 0.50 17.78 -4.39
CA HIS A 54 -0.93 17.85 -4.22
C HIS A 54 -1.65 16.76 -5.02
N GLY A 55 -1.08 16.42 -6.19
CA GLY A 55 -1.60 15.32 -7.00
C GLY A 55 -1.56 13.99 -6.26
N ALA A 56 -0.46 13.71 -5.58
CA ALA A 56 -0.33 12.47 -4.83
C ALA A 56 -1.37 12.42 -3.70
N LYS A 57 -1.63 13.57 -3.08
CA LYS A 57 -2.62 13.65 -2.01
C LYS A 57 -4.05 13.49 -2.53
N MET A 58 -4.37 14.15 -3.64
CA MET A 58 -5.70 13.97 -4.26
C MET A 58 -5.92 12.50 -4.63
N ALA A 59 -4.87 11.87 -5.15
CA ALA A 59 -4.96 10.45 -5.54
C ALA A 59 -5.33 9.56 -4.34
N TRP A 60 -4.74 9.85 -3.19
CA TRP A 60 -5.09 9.09 -1.99
C TRP A 60 -6.55 9.39 -1.64
N ARG A 61 -6.91 10.66 -1.69
CA ARG A 61 -8.27 11.10 -1.33
C ARG A 61 -9.34 10.42 -2.21
N ASN A 62 -8.98 10.10 -3.44
CA ASN A 62 -9.90 9.49 -4.41
C ASN A 62 -9.88 7.97 -4.44
N SER A 63 -9.06 7.37 -3.58
CA SER A 63 -8.92 5.91 -3.53
C SER A 63 -10.14 5.28 -2.85
N ASN A 64 -11.10 4.89 -3.67
CA ASN A 64 -12.39 4.38 -3.21
C ASN A 64 -12.30 3.29 -2.15
N ARG A 65 -11.28 2.45 -2.27
CA ARG A 65 -11.20 1.29 -1.40
C ARG A 65 -10.54 1.57 -0.07
N CYS A 66 -10.09 2.81 0.13
CA CYS A 66 -9.26 3.13 1.32
C CYS A 66 -10.06 3.72 2.49
N ILE A 67 -10.05 3.01 3.62
CA ILE A 67 -10.73 3.48 4.85
C ILE A 67 -9.92 4.55 5.58
N GLY A 68 -8.64 4.69 5.21
CA GLY A 68 -7.72 5.54 5.95
C GLY A 68 -7.65 6.96 5.43
N ARG A 69 -8.57 7.32 4.52
CA ARG A 69 -8.45 8.60 3.80
C ARG A 69 -8.57 9.92 4.56
N LEU A 70 -9.00 9.88 5.83
CA LEU A 70 -9.12 11.12 6.62
C LEU A 70 -7.85 11.95 6.57
N PHE A 71 -6.72 11.25 6.57
CA PHE A 71 -5.42 11.90 6.70
C PHE A 71 -4.73 12.21 5.37
N TRP A 72 -5.52 12.27 4.29
CA TRP A 72 -4.96 12.42 2.94
C TRP A 72 -4.02 13.63 2.79
N ASN A 73 -4.35 14.72 3.46
CA ASN A 73 -3.65 15.98 3.29
C ASN A 73 -2.31 16.05 4.03
N SER A 74 -2.03 15.03 4.85
CA SER A 74 -0.77 15.02 5.60
C SER A 74 0.24 14.05 5.01
N LEU A 75 -0.10 13.44 3.86
CA LEU A 75 0.84 12.61 3.10
C LEU A 75 2.19 13.33 2.92
N ASN A 76 3.28 12.62 3.22
CA ASN A 76 4.64 13.15 3.05
C ASN A 76 5.14 12.73 1.68
N VAL A 77 5.36 13.70 0.80
CA VAL A 77 5.67 13.38 -0.59
C VAL A 77 7.16 13.57 -0.87
N ILE A 78 7.86 12.51 -1.26
CA ILE A 78 9.27 12.65 -1.59
C ILE A 78 9.44 12.60 -3.11
N ASP A 79 10.02 13.67 -3.65
CA ASP A 79 10.14 13.83 -5.11
C ASP A 79 11.48 13.27 -5.59
N ARG A 80 11.44 12.07 -6.17
CA ARG A 80 12.68 11.45 -6.67
C ARG A 80 12.69 11.30 -8.20
N ARG A 81 12.11 12.28 -8.88
CA ARG A 81 12.11 12.29 -10.35
C ARG A 81 13.52 12.48 -10.93
N ASP A 82 14.47 12.77 -10.04
CA ASP A 82 15.85 13.02 -10.44
C ASP A 82 16.70 11.74 -10.59
N VAL A 83 16.15 10.61 -10.15
CA VAL A 83 16.90 9.34 -10.12
C VAL A 83 17.26 8.83 -11.52
N ARG A 84 18.51 8.40 -11.73
CA ARG A 84 18.89 7.86 -13.05
C ARG A 84 19.57 6.50 -12.98
N THR A 85 20.01 6.10 -11.80
CA THR A 85 20.77 4.85 -11.65
C THR A 85 20.12 3.90 -10.64
N LYS A 86 20.48 2.63 -10.72
CA LYS A 86 19.86 1.64 -9.86
C LYS A 86 20.32 1.80 -8.40
N GLU A 87 21.54 2.32 -8.21
CA GLU A 87 22.03 2.59 -6.88
C GLU A 87 21.16 3.69 -6.25
N GLU A 88 20.84 4.72 -7.05
CA GLU A 88 19.94 5.81 -6.63
C GLU A 88 18.53 5.30 -6.29
N VAL A 89 18.02 4.37 -7.09
CA VAL A 89 16.71 3.78 -6.81
C VAL A 89 16.76 3.03 -5.46
N ARG A 90 17.76 2.15 -5.34
CA ARG A 90 17.93 1.32 -4.15
C ARG A 90 18.02 2.19 -2.91
N ASP A 91 18.83 3.23 -2.97
CA ASP A 91 19.03 4.09 -1.83
C ASP A 91 17.77 4.89 -1.52
N ALA A 92 17.00 5.24 -2.54
CA ALA A 92 15.72 5.97 -2.32
C ALA A 92 14.70 5.08 -1.64
N LEU A 93 14.73 3.80 -1.99
CA LEU A 93 13.85 2.82 -1.37
C LEU A 93 14.25 2.53 0.09
N PHE A 94 15.56 2.36 0.32
CA PHE A 94 16.06 2.24 1.69
C PHE A 94 15.63 3.48 2.49
N HIS A 95 15.83 4.66 1.92
CA HIS A 95 15.47 5.89 2.63
C HIS A 95 13.97 5.93 2.93
N HIS A 96 13.14 5.51 1.98
CA HIS A 96 11.71 5.51 2.20
C HIS A 96 11.37 4.61 3.39
N ILE A 97 11.87 3.39 3.38
CA ILE A 97 11.65 2.51 4.53
C ILE A 97 12.02 3.16 5.88
N GLU A 98 13.20 3.76 5.96
CA GLU A 98 13.66 4.30 7.23
C GLU A 98 12.81 5.50 7.69
N THR A 99 12.54 6.43 6.77
CA THR A 99 11.81 7.64 7.17
C THR A 99 10.32 7.39 7.38
N ALA A 100 9.75 6.45 6.64
CA ALA A 100 8.36 6.08 6.86
C ALA A 100 8.19 5.36 8.19
N THR A 101 9.13 4.48 8.50
CA THR A 101 9.07 3.69 9.73
C THR A 101 9.22 4.59 10.96
N ASN A 102 10.18 5.49 10.89
CA ASN A 102 10.31 6.52 11.92
C ASN A 102 10.34 5.90 13.33
N ASN A 103 11.13 4.84 13.52
CA ASN A 103 11.17 4.15 14.83
C ASN A 103 9.84 3.61 15.32
N GLY A 104 8.86 3.45 14.42
CA GLY A 104 7.59 2.85 14.82
C GLY A 104 6.45 3.84 14.76
N LYS A 105 6.76 5.16 14.85
CA LYS A 105 5.72 6.18 14.70
C LYS A 105 5.54 6.48 13.23
N ILE A 106 4.83 5.58 12.54
CA ILE A 106 4.85 5.53 11.09
C ILE A 106 4.34 6.81 10.46
N ARG A 107 5.05 7.30 9.42
CA ARG A 107 4.63 8.48 8.66
C ARG A 107 4.19 8.04 7.29
N PRO A 108 2.92 8.30 6.95
CA PRO A 108 2.42 8.05 5.59
C PRO A 108 3.29 8.79 4.58
N THR A 109 3.92 8.05 3.68
CA THR A 109 4.91 8.61 2.77
C THR A 109 4.75 8.00 1.39
N ILE A 110 5.09 8.77 0.36
CA ILE A 110 5.20 8.26 -0.99
C ILE A 110 6.49 8.79 -1.61
N THR A 111 7.23 7.91 -2.26
CA THR A 111 8.42 8.31 -3.01
C THR A 111 8.07 8.21 -4.50
N ILE A 112 8.22 9.30 -5.23
CA ILE A 112 7.80 9.32 -6.62
C ILE A 112 9.00 9.31 -7.58
N PHE A 113 9.11 8.25 -8.38
CA PHE A 113 10.21 8.12 -9.34
C PHE A 113 9.80 8.70 -10.72
N PRO A 114 10.76 8.85 -11.66
CA PRO A 114 10.41 9.41 -12.98
C PRO A 114 9.23 8.67 -13.60
N PRO A 115 8.36 9.40 -14.31
CA PRO A 115 7.16 8.78 -14.88
C PRO A 115 7.44 8.01 -16.17
N GLU A 116 6.47 7.22 -16.63
CA GLU A 116 6.57 6.61 -17.94
C GLU A 116 6.71 7.71 -19.00
N GLU A 117 7.45 7.40 -20.06
CA GLU A 117 7.64 8.35 -21.15
C GLU A 117 6.57 8.14 -22.22
N LYS A 118 6.71 7.11 -23.02
CA LYS A 118 5.65 6.81 -23.98
C LYS A 118 5.06 5.46 -23.64
N GLY A 119 4.67 5.29 -22.39
CA GLY A 119 4.31 3.97 -21.90
C GLY A 119 5.57 3.17 -21.56
N GLU A 120 6.73 3.77 -21.83
CA GLU A 120 8.01 3.15 -21.49
C GLU A 120 8.39 3.51 -20.05
N LYS A 121 8.52 2.50 -19.20
CA LYS A 121 8.93 2.71 -17.81
C LYS A 121 10.40 3.09 -17.70
N GLN A 122 10.71 4.00 -16.79
CA GLN A 122 12.09 4.36 -16.51
C GLN A 122 12.64 3.42 -15.43
N VAL A 123 11.75 3.09 -14.49
CA VAL A 123 12.07 2.21 -13.37
C VAL A 123 10.88 1.31 -13.17
N GLU A 124 11.11 0.00 -13.21
CA GLU A 124 10.05 -0.98 -13.15
C GLU A 124 10.21 -1.82 -11.88
N ILE A 125 9.38 -1.56 -10.88
CA ILE A 125 9.47 -2.26 -9.59
C ILE A 125 8.72 -3.60 -9.62
N TRP A 126 9.38 -4.65 -9.13
CA TRP A 126 8.79 -5.99 -9.15
C TRP A 126 8.07 -6.36 -7.85
N ASN A 127 8.49 -5.78 -6.72
CA ASN A 127 7.87 -6.12 -5.42
C ASN A 127 6.43 -5.66 -5.37
N HIS A 128 5.57 -6.41 -4.66
CA HIS A 128 4.20 -5.96 -4.40
C HIS A 128 4.26 -4.96 -3.23
N GLN A 129 5.03 -5.30 -2.20
CA GLN A 129 5.38 -4.35 -1.14
C GLN A 129 6.89 -4.38 -0.95
N LEU A 130 7.46 -3.28 -0.44
CA LEU A 130 8.90 -3.22 -0.26
C LEU A 130 9.36 -4.22 0.79
N ILE A 131 8.53 -4.45 1.80
CA ILE A 131 8.83 -5.42 2.84
C ILE A 131 7.73 -6.46 2.74
N ARG A 132 8.10 -7.73 2.51
CA ARG A 132 7.16 -8.81 2.28
CA ARG A 132 7.16 -8.81 2.25
C ARG A 132 7.87 -10.15 2.44
N TYR A 133 7.14 -11.17 2.89
CA TYR A 133 7.77 -12.46 3.18
C TYR A 133 7.71 -13.35 1.96
N ALA A 134 8.73 -14.20 1.78
CA ALA A 134 8.82 -15.11 0.65
C ALA A 134 7.85 -16.26 0.85
N GLY A 135 7.60 -17.02 -0.21
CA GLY A 135 6.71 -18.16 -0.18
C GLY A 135 7.22 -19.24 -1.10
N TYR A 136 7.06 -20.48 -0.66
CA TYR A 136 7.63 -21.64 -1.34
C TYR A 136 6.60 -22.76 -1.35
N GLU A 137 6.52 -23.49 -2.45
CA GLU A 137 5.65 -24.66 -2.54
C GLU A 137 6.35 -25.69 -3.39
N SER A 138 6.66 -26.84 -2.79
CA SER A 138 7.35 -27.90 -3.52
C SER A 138 7.12 -29.23 -2.84
N ASP A 139 6.87 -30.26 -3.65
CA ASP A 139 6.66 -31.62 -3.15
C ASP A 139 5.67 -31.59 -1.99
N GLY A 140 4.53 -30.93 -2.20
CA GLY A 140 3.49 -30.81 -1.20
C GLY A 140 3.83 -29.89 -0.02
N GLU A 141 5.09 -29.52 0.11
CA GLU A 141 5.59 -28.71 1.22
C GLU A 141 5.39 -27.21 1.00
N ARG A 142 4.68 -26.54 1.92
CA ARG A 142 4.43 -25.11 1.83
C ARG A 142 5.15 -24.34 2.93
N ILE A 143 5.89 -23.32 2.55
CA ILE A 143 6.62 -22.51 3.51
C ILE A 143 6.35 -21.04 3.21
N GLY A 144 6.20 -20.23 4.27
CA GLY A 144 6.07 -18.79 4.08
C GLY A 144 4.71 -18.36 3.52
N ASP A 145 4.70 -17.23 2.81
CA ASP A 145 3.46 -16.61 2.35
C ASP A 145 3.12 -17.10 0.93
N PRO A 146 2.03 -17.88 0.80
CA PRO A 146 1.75 -18.45 -0.52
C PRO A 146 1.55 -17.36 -1.57
N ALA A 147 1.19 -16.14 -1.16
CA ALA A 147 0.88 -15.13 -2.15
C ALA A 147 2.15 -14.57 -2.78
N SER A 148 3.31 -14.94 -2.22
CA SER A 148 4.62 -14.48 -2.72
C SER A 148 5.31 -15.53 -3.59
N CYS A 149 4.66 -16.66 -3.82
CA CYS A 149 5.33 -17.76 -4.53
C CYS A 149 5.93 -17.39 -5.88
N SER A 150 5.18 -16.65 -6.71
CA SER A 150 5.70 -16.36 -8.05
C SER A 150 6.88 -15.37 -8.06
N LEU A 151 6.80 -14.31 -7.25
CA LEU A 151 7.93 -13.37 -7.18
C LEU A 151 9.14 -14.05 -6.54
N THR A 152 8.89 -14.86 -5.50
CA THR A 152 9.94 -15.64 -4.86
C THR A 152 10.66 -16.55 -5.86
N ALA A 153 9.90 -17.25 -6.71
CA ALA A 153 10.51 -18.10 -7.74
C ALA A 153 11.32 -17.25 -8.75
N ALA A 154 10.81 -16.06 -9.05
CA ALA A 154 11.50 -15.18 -9.98
C ALA A 154 12.81 -14.67 -9.37
N CYS A 155 12.80 -14.31 -8.09
CA CYS A 155 14.04 -13.92 -7.42
C CYS A 155 15.08 -15.03 -7.41
N GLU A 156 14.63 -16.26 -7.16
CA GLU A 156 15.57 -17.36 -7.07
C GLU A 156 16.12 -17.74 -8.43
N GLU A 157 15.33 -17.51 -9.48
CA GLU A 157 15.84 -17.69 -10.83
C GLU A 157 17.00 -16.71 -11.05
N LEU A 158 16.94 -15.56 -10.39
CA LEU A 158 17.97 -14.53 -10.57
C LEU A 158 19.15 -14.62 -9.59
N GLY A 159 19.32 -15.77 -8.94
CA GLY A 159 20.46 -16.00 -8.05
C GLY A 159 20.27 -15.68 -6.58
N TRP A 160 19.10 -15.16 -6.21
CA TRP A 160 18.76 -15.02 -4.80
C TRP A 160 18.40 -16.41 -4.23
N ARG A 161 18.69 -16.63 -2.96
CA ARG A 161 18.25 -17.83 -2.25
C ARG A 161 17.66 -17.46 -0.88
N GLY A 162 16.45 -17.92 -0.62
CA GLY A 162 15.83 -17.73 0.68
C GLY A 162 16.25 -18.83 1.65
N GLU A 163 16.24 -18.50 2.94
CA GLU A 163 16.55 -19.46 4.00
C GLU A 163 15.43 -20.49 4.22
N ARG A 164 14.30 -20.24 3.59
CA ARG A 164 13.10 -21.06 3.80
C ARG A 164 12.62 -21.18 5.25
N THR A 165 12.65 -20.06 5.99
CA THR A 165 11.80 -19.93 7.15
C THR A 165 10.44 -19.48 6.64
N ASP A 166 9.46 -19.31 7.53
CA ASP A 166 8.14 -18.87 7.10
C ASP A 166 8.13 -17.36 6.94
N PHE A 167 9.22 -16.71 7.33
CA PHE A 167 9.29 -15.24 7.31
C PHE A 167 10.58 -14.72 6.67
N ASP A 168 10.99 -15.30 5.55
CA ASP A 168 12.12 -14.75 4.78
C ASP A 168 11.75 -13.39 4.20
N LEU A 169 12.57 -12.37 4.43
CA LEU A 169 12.32 -11.07 3.78
C LEU A 169 12.72 -11.15 2.30
N LEU A 170 11.80 -10.84 1.39
CA LEU A 170 12.16 -10.78 -0.02
C LEU A 170 13.13 -9.61 -0.22
N PRO A 171 14.05 -9.73 -1.20
CA PRO A 171 14.91 -8.59 -1.49
C PRO A 171 14.10 -7.57 -2.29
N LEU A 172 14.56 -6.32 -2.33
CA LEU A 172 14.04 -5.37 -3.31
C LEU A 172 14.43 -5.87 -4.67
N ILE A 173 13.51 -5.80 -5.62
CA ILE A 173 13.82 -6.17 -6.99
C ILE A 173 13.11 -5.23 -7.98
N PHE A 174 13.91 -4.62 -8.85
CA PHE A 174 13.41 -3.66 -9.83
C PHE A 174 14.30 -3.65 -11.07
N ARG A 175 13.75 -3.19 -12.19
CA ARG A 175 14.50 -3.13 -13.44
C ARG A 175 14.59 -1.69 -13.94
N MET A 176 15.76 -1.31 -14.44
CA MET A 176 15.95 0.00 -15.06
C MET A 176 15.68 -0.06 -16.57
N LYS A 177 15.12 1.03 -17.09
CA LYS A 177 14.99 1.19 -18.54
C LYS A 177 16.34 0.92 -19.14
N GLY A 178 16.42 -0.02 -20.09
CA GLY A 178 17.65 -0.24 -20.79
C GLY A 178 18.34 -1.53 -20.37
N ASP A 179 17.87 -2.12 -19.28
CA ASP A 179 18.40 -3.42 -18.83
C ASP A 179 17.41 -4.53 -19.17
N GLU A 180 17.92 -5.70 -19.54
CA GLU A 180 17.04 -6.84 -19.79
C GLU A 180 16.60 -7.53 -18.50
N GLN A 181 17.42 -7.43 -17.46
CA GLN A 181 17.15 -8.12 -16.20
C GLN A 181 17.04 -7.16 -15.02
N PRO A 182 16.09 -7.41 -14.11
CA PRO A 182 16.07 -6.58 -12.91
C PRO A 182 17.29 -6.88 -12.06
N VAL A 183 17.58 -6.01 -11.11
CA VAL A 183 18.59 -6.30 -10.12
C VAL A 183 17.86 -6.57 -8.82
N TRP A 184 18.54 -7.16 -7.85
CA TRP A 184 17.95 -7.34 -6.53
C TRP A 184 18.95 -7.01 -5.42
N TYR A 185 18.43 -6.47 -4.31
CA TYR A 185 19.24 -6.19 -3.13
C TYR A 185 18.54 -6.68 -1.86
N GLU A 186 19.30 -7.37 -1.03
CA GLU A 186 18.85 -7.84 0.26
C GLU A 186 18.50 -6.63 1.13
N LEU A 187 17.37 -6.70 1.83
CA LEU A 187 17.00 -5.63 2.77
C LEU A 187 17.90 -5.67 3.98
N PRO A 188 18.49 -4.51 4.35
CA PRO A 188 19.24 -4.47 5.61
C PRO A 188 18.29 -4.71 6.81
N ARG A 189 18.58 -5.70 7.64
CA ARG A 189 17.66 -6.04 8.74
C ARG A 189 17.44 -4.88 9.71
N SER A 190 18.42 -3.99 9.85
CA SER A 190 18.26 -2.82 10.72
C SER A 190 17.20 -1.82 10.23
N LEU A 191 16.77 -1.96 8.97
CA LEU A 191 15.74 -1.09 8.43
C LEU A 191 14.35 -1.63 8.72
N VAL A 192 14.27 -2.92 9.05
CA VAL A 192 12.96 -3.57 9.08
C VAL A 192 12.46 -3.80 10.50
N ILE A 193 11.40 -3.09 10.89
CA ILE A 193 10.79 -3.41 12.17
C ILE A 193 9.79 -4.57 11.99
N GLU A 194 9.87 -5.56 12.87
CA GLU A 194 8.92 -6.67 12.90
C GLU A 194 8.34 -6.75 14.31
N VAL A 195 7.13 -7.29 14.42
CA VAL A 195 6.41 -7.36 15.70
C VAL A 195 6.06 -8.81 16.00
N PRO A 196 6.62 -9.38 17.08
CA PRO A 196 6.20 -10.73 17.48
C PRO A 196 4.78 -10.68 17.99
N ILE A 197 3.97 -11.70 17.69
CA ILE A 197 2.55 -11.60 18.02
C ILE A 197 2.34 -12.33 19.33
N THR A 198 1.97 -11.57 20.36
CA THR A 198 1.61 -12.17 21.65
C THR A 198 0.20 -11.75 22.01
N HIS A 199 -0.39 -12.39 23.02
CA HIS A 199 -1.76 -12.07 23.40
C HIS A 199 -1.73 -11.45 24.81
N PRO A 200 -2.56 -10.41 25.05
CA PRO A 200 -2.61 -9.74 26.36
C PRO A 200 -2.85 -10.65 27.59
N ASP A 201 -3.52 -11.79 27.45
CA ASP A 201 -3.70 -12.64 28.63
C ASP A 201 -3.55 -14.13 28.40
N ILE A 202 -3.32 -14.53 27.16
CA ILE A 202 -3.11 -15.94 26.86
C ILE A 202 -1.64 -16.16 26.56
N GLU A 203 -0.93 -16.62 27.58
CA GLU A 203 0.53 -16.75 27.52
C GLU A 203 0.96 -17.70 26.43
N ALA A 204 0.21 -18.78 26.26
CA ALA A 204 0.54 -19.82 25.26
C ALA A 204 0.57 -19.30 23.82
N PHE A 205 0.00 -18.11 23.60
CA PHE A 205 -0.13 -17.60 22.24
C PHE A 205 1.24 -17.47 21.59
N SER A 206 2.28 -17.19 22.37
CA SER A 206 3.62 -17.04 21.80
C SER A 206 4.15 -18.35 21.24
N ASP A 207 3.54 -19.48 21.62
CA ASP A 207 4.01 -20.78 21.12
C ASP A 207 3.81 -20.88 19.60
N LEU A 208 2.94 -20.03 19.06
CA LEU A 208 2.67 -20.05 17.62
C LEU A 208 3.80 -19.39 16.84
N GLU A 209 4.60 -18.57 17.53
CA GLU A 209 5.75 -17.91 16.93
C GLU A 209 5.35 -17.07 15.71
N LEU A 210 4.21 -16.39 15.80
CA LEU A 210 3.78 -15.55 14.69
C LEU A 210 4.46 -14.18 14.80
N LYS A 211 4.71 -13.56 13.66
CA LYS A 211 5.12 -12.15 13.62
C LYS A 211 4.63 -11.53 12.34
N TRP A 212 4.78 -10.21 12.22
CA TRP A 212 4.48 -9.52 10.99
C TRP A 212 5.37 -8.28 10.95
N TYR A 213 5.55 -7.71 9.76
CA TYR A 213 6.42 -6.56 9.61
C TYR A 213 5.63 -5.31 9.96
N GLY A 214 6.31 -4.24 10.36
CA GLY A 214 5.59 -3.07 10.85
C GLY A 214 4.94 -2.23 9.79
N VAL A 215 5.60 -2.09 8.65
CA VAL A 215 5.19 -1.08 7.69
C VAL A 215 4.86 -1.63 6.32
N PRO A 216 3.58 -1.49 5.89
CA PRO A 216 3.17 -1.98 4.58
C PRO A 216 3.45 -0.91 3.53
N ILE A 217 4.31 -1.20 2.55
CA ILE A 217 4.70 -0.19 1.59
C ILE A 217 4.39 -0.70 0.18
N ILE A 218 3.25 -0.26 -0.35
CA ILE A 218 2.75 -0.75 -1.64
C ILE A 218 3.60 -0.18 -2.76
N SER A 219 4.20 -1.06 -3.54
CA SER A 219 5.19 -0.63 -4.51
C SER A 219 4.87 -1.06 -5.93
N ASP A 220 3.63 -1.48 -6.19
CA ASP A 220 3.28 -2.04 -7.48
C ASP A 220 2.12 -1.29 -8.15
N MET A 221 1.71 -0.17 -7.58
CA MET A 221 0.63 0.61 -8.17
C MET A 221 1.13 1.85 -8.91
N LYS A 222 0.39 2.19 -9.97
CA LYS A 222 0.66 3.35 -10.78
C LYS A 222 -0.11 4.57 -10.25
N LEU A 223 0.61 5.64 -9.95
CA LEU A 223 -0.02 6.91 -9.58
C LEU A 223 -0.23 7.74 -10.85
N GLU A 224 -1.48 8.15 -11.09
CA GLU A 224 -1.80 8.94 -12.27
C GLU A 224 -2.21 10.34 -11.85
N VAL A 225 -1.52 11.34 -12.38
CA VAL A 225 -1.81 12.73 -12.04
C VAL A 225 -1.80 13.56 -13.31
N GLY A 226 -2.98 14.05 -13.70
CA GLY A 226 -3.12 14.92 -14.87
C GLY A 226 -2.50 14.35 -16.12
N GLY A 227 -2.77 13.06 -16.35
CA GLY A 227 -2.30 12.40 -17.56
C GLY A 227 -0.88 11.89 -17.55
N ILE A 228 -0.13 12.18 -16.47
CA ILE A 228 1.21 11.64 -16.31
C ILE A 228 1.17 10.34 -15.52
N HIS A 229 1.85 9.32 -16.01
CA HIS A 229 1.79 7.99 -15.39
C HIS A 229 3.04 7.66 -14.58
N TYR A 230 2.95 7.82 -13.27
CA TYR A 230 4.01 7.44 -12.35
C TYR A 230 3.85 5.98 -11.95
N ASN A 231 4.31 5.07 -12.80
CA ASN A 231 4.18 3.64 -12.52
C ASN A 231 4.96 3.21 -11.28
N ALA A 232 5.99 3.96 -10.93
CA ALA A 232 6.84 3.59 -9.79
C ALA A 232 6.73 4.71 -8.77
N ALA A 233 5.96 4.46 -7.73
CA ALA A 233 5.70 5.47 -6.74
C ALA A 233 5.23 4.79 -5.46
N PRO A 234 6.15 4.09 -4.78
CA PRO A 234 5.77 3.32 -3.59
C PRO A 234 5.20 4.21 -2.49
N PHE A 235 4.16 3.75 -1.81
CA PHE A 235 3.55 4.56 -0.75
C PHE A 235 3.26 3.69 0.47
N ASN A 236 3.21 4.29 1.66
CA ASN A 236 2.81 3.56 2.85
C ASN A 236 1.88 4.34 3.75
N GLY A 237 1.16 3.60 4.58
CA GLY A 237 0.46 4.15 5.73
C GLY A 237 0.84 3.22 6.88
N TRP A 238 -0.04 3.08 7.85
CA TRP A 238 0.13 2.06 8.88
C TRP A 238 -0.97 1.03 8.64
N TYR A 239 -0.90 -0.09 9.35
CA TYR A 239 -1.88 -1.16 9.12
C TYR A 239 -3.16 -0.91 9.88
N MET A 240 -4.28 -1.40 9.34
CA MET A 240 -5.46 -1.61 10.15
C MET A 240 -5.29 -3.02 10.61
N GLY A 241 -5.50 -3.28 11.89
CA GLY A 241 -5.26 -4.58 12.50
C GLY A 241 -5.81 -5.80 11.77
N THR A 242 -7.06 -5.72 11.32
CA THR A 242 -7.71 -6.82 10.61
C THR A 242 -6.97 -7.27 9.35
N GLU A 243 -6.23 -6.37 8.70
CA GLU A 243 -5.46 -6.80 7.51
C GLU A 243 -4.52 -7.91 7.89
N ILE A 244 -3.98 -7.83 9.10
CA ILE A 244 -3.03 -8.83 9.53
C ILE A 244 -3.75 -10.00 10.20
N GLY A 245 -4.60 -9.69 11.18
CA GLY A 245 -5.27 -10.73 11.95
C GLY A 245 -6.38 -11.50 11.24
N ALA A 246 -7.06 -10.84 10.31
CA ALA A 246 -8.25 -11.46 9.73
C ALA A 246 -7.98 -11.98 8.34
N ARG A 247 -6.84 -11.58 7.76
CA ARG A 247 -6.54 -11.94 6.37
C ARG A 247 -5.13 -12.55 6.19
N ASN A 248 -4.07 -11.75 6.39
CA ASN A 248 -2.72 -12.25 6.12
C ASN A 248 -2.40 -13.51 6.93
N LEU A 249 -2.83 -13.52 8.18
CA LEU A 249 -2.53 -14.65 9.05
C LEU A 249 -3.66 -15.66 9.07
N ALA A 250 -4.85 -15.28 8.59
CA ALA A 250 -6.04 -16.15 8.73
C ALA A 250 -6.49 -16.85 7.48
N ASP A 251 -6.32 -16.21 6.31
CA ASP A 251 -6.87 -16.77 5.07
C ASP A 251 -6.28 -18.17 4.85
N GLU A 252 -7.09 -19.06 4.29
CA GLU A 252 -6.59 -20.42 3.98
C GLU A 252 -5.47 -20.40 2.97
N LYS A 253 -5.52 -19.43 2.05
CA LYS A 253 -4.50 -19.33 1.02
C LYS A 253 -3.35 -18.41 1.42
N ARG A 254 -3.33 -17.97 2.67
CA ARG A 254 -2.17 -17.26 3.20
C ARG A 254 -1.59 -18.12 4.32
N TYR A 255 -1.39 -17.54 5.50
CA TYR A 255 -0.74 -18.31 6.57
C TYR A 255 -1.67 -19.31 7.26
N ASP A 256 -2.99 -19.17 7.06
CA ASP A 256 -3.95 -20.22 7.47
C ASP A 256 -3.80 -20.65 8.95
N LYS A 257 -3.79 -19.70 9.88
CA LYS A 257 -3.45 -20.01 11.28
C LYS A 257 -4.65 -20.27 12.25
N LEU A 258 -5.88 -20.19 11.77
CA LEU A 258 -7.02 -20.24 12.69
C LEU A 258 -7.12 -21.51 13.56
N LYS A 259 -6.89 -22.68 12.95
CA LYS A 259 -6.93 -23.93 13.74
C LYS A 259 -5.87 -23.90 14.83
N LYS A 260 -4.69 -23.42 14.49
CA LYS A 260 -3.61 -23.34 15.48
C LYS A 260 -3.96 -22.31 16.55
N VAL A 261 -4.62 -21.23 16.16
CA VAL A 261 -5.06 -20.24 17.14
C VAL A 261 -6.09 -20.89 18.07
N ALA A 262 -7.01 -21.64 17.50
CA ALA A 262 -8.07 -22.28 18.30
C ALA A 262 -7.45 -23.14 19.39
N SER A 263 -6.43 -23.88 19.00
CA SER A 263 -5.80 -24.81 19.92
C SER A 263 -5.13 -24.07 21.08
N VAL A 264 -4.38 -23.02 20.80
CA VAL A 264 -3.69 -22.35 21.90
C VAL A 264 -4.61 -21.52 22.79
N ILE A 265 -5.76 -21.12 22.27
CA ILE A 265 -6.68 -20.40 23.15
C ILE A 265 -7.63 -21.37 23.86
N GLY A 266 -7.39 -22.67 23.65
CA GLY A 266 -8.07 -23.69 24.41
C GLY A 266 -9.50 -23.96 24.00
N ILE A 267 -9.83 -23.81 22.71
CA ILE A 267 -11.17 -24.19 22.25
C ILE A 267 -11.10 -25.28 21.17
N ALA A 268 -12.15 -26.08 21.11
CA ALA A 268 -12.27 -27.12 20.09
C ALA A 268 -12.50 -26.48 18.73
N ALA A 269 -11.98 -27.10 17.67
CA ALA A 269 -12.19 -26.61 16.30
C ALA A 269 -12.97 -27.68 15.53
N ASP A 270 -14.04 -28.18 16.12
CA ASP A 270 -14.73 -29.32 15.54
C ASP A 270 -16.10 -28.99 14.95
N TYR A 271 -16.80 -28.01 15.51
CA TYR A 271 -18.20 -27.76 15.12
C TYR A 271 -18.43 -26.34 14.64
N ASN A 272 -19.00 -26.21 13.45
CA ASN A 272 -19.30 -24.89 12.90
C ASN A 272 -20.11 -24.07 13.89
N THR A 273 -21.06 -24.72 14.54
CA THR A 273 -21.96 -24.05 15.47
C THR A 273 -21.26 -23.52 16.73
N ASP A 274 -20.03 -23.98 16.99
CA ASP A 274 -19.26 -23.43 18.10
C ASP A 274 -18.68 -22.06 17.77
N LEU A 275 -18.77 -21.67 16.48
CA LEU A 275 -18.16 -20.43 15.99
C LEU A 275 -16.71 -20.32 16.45
N TRP A 276 -15.99 -21.44 16.37
CA TRP A 276 -14.59 -21.43 16.77
C TRP A 276 -13.75 -20.56 15.83
N LYS A 277 -14.08 -20.55 14.54
CA LYS A 277 -13.31 -19.71 13.63
C LYS A 277 -13.47 -18.24 14.01
N ASP A 278 -14.70 -17.87 14.38
CA ASP A 278 -15.00 -16.48 14.72
C ASP A 278 -14.28 -16.06 15.99
N GLN A 279 -14.32 -16.94 17.00
CA GLN A 279 -13.65 -16.69 18.27
C GLN A 279 -12.13 -16.60 18.08
N ALA A 280 -11.57 -17.55 17.32
CA ALA A 280 -10.15 -17.53 16.97
C ALA A 280 -9.79 -16.21 16.29
N LEU A 281 -10.62 -15.80 15.31
CA LEU A 281 -10.38 -14.53 14.60
C LEU A 281 -10.33 -13.35 15.56
N VAL A 282 -11.25 -13.31 16.50
CA VAL A 282 -11.27 -12.19 17.44
C VAL A 282 -10.02 -12.18 18.32
N GLU A 283 -9.64 -13.33 18.89
CA GLU A 283 -8.46 -13.38 19.75
C GLU A 283 -7.17 -13.07 19.03
N LEU A 284 -7.05 -13.57 17.80
CA LEU A 284 -5.87 -13.29 16.97
C LEU A 284 -5.81 -11.82 16.61
N ASN A 285 -6.96 -11.23 16.32
CA ASN A 285 -7.00 -9.80 16.06
C ASN A 285 -6.72 -8.95 17.30
N LYS A 286 -7.12 -9.45 18.46
CA LYS A 286 -6.80 -8.75 19.71
C LYS A 286 -5.29 -8.78 19.93
N ALA A 287 -4.69 -9.94 19.66
CA ALA A 287 -3.26 -10.14 19.87
C ALA A 287 -2.46 -9.23 18.96
N VAL A 288 -2.88 -9.11 17.70
CA VAL A 288 -2.19 -8.27 16.75
C VAL A 288 -2.17 -6.79 17.21
N LEU A 289 -3.32 -6.27 17.63
CA LEU A 289 -3.36 -4.87 18.10
C LEU A 289 -2.51 -4.67 19.36
N HIS A 290 -2.68 -5.58 20.32
CA HIS A 290 -1.90 -5.53 21.55
C HIS A 290 -0.39 -5.57 21.24
N SER A 291 0.02 -6.45 20.34
CA SER A 291 1.45 -6.63 20.04
C SER A 291 2.09 -5.38 19.41
N TYR A 292 1.40 -4.79 18.43
CA TYR A 292 1.87 -3.56 17.81
C TYR A 292 1.96 -2.40 18.81
N LYS A 293 0.93 -2.25 19.63
CA LYS A 293 0.92 -1.16 20.62
C LYS A 293 2.04 -1.37 21.62
N LYS A 294 2.20 -2.61 22.05
CA LYS A 294 3.23 -2.91 23.01
C LYS A 294 4.61 -2.56 22.46
N GLN A 295 4.81 -2.78 21.16
CA GLN A 295 6.10 -2.46 20.57
C GLN A 295 6.24 -1.00 20.10
N GLY A 296 5.20 -0.19 20.26
CA GLY A 296 5.29 1.19 19.83
C GLY A 296 5.37 1.30 18.31
N VAL A 297 4.69 0.38 17.62
CA VAL A 297 4.53 0.52 16.19
C VAL A 297 3.09 0.92 15.88
N SER A 298 2.91 1.96 15.07
CA SER A 298 1.59 2.44 14.72
C SER A 298 0.70 1.37 14.11
N ILE A 299 -0.60 1.42 14.47
CA ILE A 299 -1.63 0.51 13.97
C ILE A 299 -2.98 1.12 14.37
N VAL A 300 -4.04 0.78 13.65
CA VAL A 300 -5.39 1.26 14.01
C VAL A 300 -6.34 0.04 14.02
N ASP A 301 -7.26 -0.02 14.98
CA ASP A 301 -8.26 -1.08 14.97
C ASP A 301 -9.37 -0.68 13.98
N HIS A 302 -10.21 -1.63 13.56
CA HIS A 302 -11.24 -1.32 12.55
C HIS A 302 -12.37 -0.38 13.05
N HIS A 303 -12.62 -0.36 14.35
CA HIS A 303 -13.64 0.56 14.89
C HIS A 303 -13.17 1.99 14.81
N THR A 304 -11.95 2.22 15.26
CA THR A 304 -11.37 3.56 15.22
C THR A 304 -11.21 4.01 13.76
N ALA A 305 -10.76 3.11 12.88
CA ALA A 305 -10.59 3.47 11.45
C ALA A 305 -11.93 3.90 10.84
N ALA A 306 -13.00 3.15 11.13
CA ALA A 306 -14.31 3.53 10.62
C ALA A 306 -14.78 4.88 11.16
N SER A 307 -14.53 5.15 12.44
CA SER A 307 -14.90 6.46 13.01
C SER A 307 -14.16 7.58 12.30
N GLN A 308 -12.88 7.35 12.02
CA GLN A 308 -12.09 8.29 11.24
C GLN A 308 -12.68 8.47 9.85
N PHE A 309 -13.07 7.36 9.21
CA PHE A 309 -13.65 7.44 7.88
C PHE A 309 -14.96 8.24 7.86
N LYS A 310 -15.75 8.09 8.91
CA LYS A 310 -16.98 8.89 9.06
C LYS A 310 -16.61 10.38 9.01
N ARG A 311 -15.58 10.76 9.74
CA ARG A 311 -15.11 12.15 9.71
C ARG A 311 -14.65 12.55 8.31
N PHE A 312 -13.98 11.64 7.60
CA PHE A 312 -13.63 11.90 6.20
C PHE A 312 -14.88 12.21 5.36
N GLU A 313 -15.91 11.37 5.47
CA GLU A 313 -17.19 11.63 4.80
C GLU A 313 -17.76 13.02 5.14
N GLU A 314 -17.80 13.33 6.44
CA GLU A 314 -18.28 14.63 6.90
C GLU A 314 -17.43 15.76 6.34
N GLN A 315 -16.12 15.53 6.29
CA GLN A 315 -15.21 16.54 5.73
C GLN A 315 -15.46 16.79 4.23
N ALA A 316 -15.69 15.72 3.46
CA ALA A 316 -15.98 15.87 2.03
C ALA A 316 -17.24 16.71 1.83
N GLU A 317 -18.29 16.38 2.57
CA GLU A 317 -19.54 17.11 2.48
C GLU A 317 -19.32 18.59 2.79
N GLU A 318 -18.57 18.88 3.86
CA GLU A 318 -18.34 20.27 4.26
C GLU A 318 -17.55 21.02 3.19
N ALA A 319 -16.67 20.31 2.50
CA ALA A 319 -15.83 20.95 1.49
C ALA A 319 -16.54 21.02 0.14
N GLY A 320 -17.77 20.49 0.08
CA GLY A 320 -18.51 20.46 -1.16
C GLY A 320 -17.95 19.49 -2.22
N ARG A 321 -17.19 18.50 -1.77
CA ARG A 321 -16.66 17.47 -2.67
C ARG A 321 -17.52 16.22 -2.62
N LYS A 322 -17.76 15.63 -3.80
CA LYS A 322 -18.43 14.35 -3.88
C LYS A 322 -17.56 13.31 -3.18
N LEU A 323 -18.19 12.39 -2.47
CA LEU A 323 -17.49 11.28 -1.84
C LEU A 323 -17.64 10.07 -2.74
N THR A 324 -16.54 9.37 -3.03
CA THR A 324 -16.64 8.08 -3.68
C THR A 324 -16.07 6.99 -2.77
N GLY A 325 -16.55 5.76 -2.94
CA GLY A 325 -16.09 4.67 -2.12
C GLY A 325 -16.52 3.32 -2.65
N ASP A 326 -15.76 2.30 -2.30
CA ASP A 326 -16.11 0.93 -2.69
C ASP A 326 -16.56 0.20 -1.43
N TRP A 327 -17.88 0.04 -1.27
CA TRP A 327 -18.45 -0.54 -0.06
C TRP A 327 -17.82 -1.87 0.26
N THR A 328 -17.57 -2.68 -0.77
CA THR A 328 -17.12 -4.06 -0.55
C THR A 328 -15.72 -4.14 0.04
N TRP A 329 -14.95 -3.06 -0.12
CA TRP A 329 -13.58 -3.03 0.44
C TRP A 329 -13.52 -2.21 1.71
N LEU A 330 -14.43 -1.25 1.87
CA LEU A 330 -14.39 -0.39 3.06
C LEU A 330 -14.80 -1.15 4.31
N ILE A 331 -15.78 -2.05 4.19
CA ILE A 331 -16.21 -2.80 5.36
C ILE A 331 -15.06 -3.67 5.87
N PRO A 332 -14.85 -3.66 7.19
CA PRO A 332 -13.80 -4.55 7.71
C PRO A 332 -14.27 -6.00 7.69
N PRO A 333 -13.33 -6.94 7.65
CA PRO A 333 -13.72 -8.35 7.56
C PRO A 333 -14.01 -8.98 8.93
N ILE A 334 -13.98 -8.16 9.98
CA ILE A 334 -14.35 -8.59 11.33
C ILE A 334 -15.47 -7.66 11.79
N SER A 335 -16.62 -8.21 12.20
CA SER A 335 -17.76 -7.37 12.66
C SER A 335 -18.11 -6.16 11.78
N PRO A 336 -18.27 -6.35 10.46
CA PRO A 336 -18.53 -5.19 9.60
C PRO A 336 -19.81 -4.44 9.97
N ALA A 337 -20.85 -5.16 10.41
CA ALA A 337 -22.12 -4.52 10.77
C ALA A 337 -22.03 -3.69 12.06
N ALA A 338 -20.89 -3.77 12.75
CA ALA A 338 -20.68 -2.91 13.91
C ALA A 338 -20.11 -1.54 13.53
N THR A 339 -19.89 -1.30 12.23
CA THR A 339 -19.41 0.00 11.76
C THR A 339 -20.49 0.70 10.98
N HIS A 340 -20.44 2.04 10.92
CA HIS A 340 -21.43 2.82 10.16
C HIS A 340 -21.38 2.51 8.66
N ILE A 341 -20.18 2.21 8.17
CA ILE A 341 -19.94 1.88 6.77
C ILE A 341 -20.94 0.85 6.22
N PHE A 342 -21.12 -0.25 6.96
CA PHE A 342 -21.99 -1.36 6.55
C PHE A 342 -23.42 -0.89 6.27
N HIS A 343 -23.85 0.17 6.96
CA HIS A 343 -25.24 0.60 6.97
C HIS A 343 -25.54 1.75 5.98
N ARG A 344 -24.56 2.11 5.16
CA ARG A 344 -24.83 3.08 4.11
C ARG A 344 -24.24 2.60 2.81
N SER A 345 -24.42 3.37 1.74
CA SER A 345 -23.90 2.97 0.44
C SER A 345 -22.93 4.02 -0.07
N TYR A 346 -22.11 3.66 -1.07
CA TYR A 346 -21.09 4.56 -1.61
C TYR A 346 -21.12 4.54 -3.14
N ASP A 347 -20.92 5.71 -3.74
CA ASP A 347 -20.77 5.84 -5.18
C ASP A 347 -19.34 5.37 -5.54
N ASN A 348 -19.23 4.28 -6.30
CA ASN A 348 -17.92 3.72 -6.65
C ASN A 348 -17.32 4.32 -7.94
N SER A 349 -17.69 5.55 -8.29
CA SER A 349 -17.12 6.20 -9.47
C SER A 349 -15.62 6.46 -9.31
N ILE A 350 -14.88 6.34 -10.42
CA ILE A 350 -13.44 6.58 -10.40
C ILE A 350 -13.13 8.03 -10.76
N VAL A 351 -12.45 8.71 -9.84
CA VAL A 351 -12.04 10.09 -10.00
C VAL A 351 -10.52 10.13 -10.02
N LYS A 352 -9.92 10.96 -10.90
CA LYS A 352 -8.48 11.11 -10.93
C LYS A 352 -8.08 12.48 -10.40
N PRO A 353 -6.84 12.63 -9.89
CA PRO A 353 -5.75 11.65 -9.70
C PRO A 353 -6.16 10.43 -8.89
N ASN A 354 -5.48 9.31 -9.11
CA ASN A 354 -5.78 8.07 -8.41
C ASN A 354 -4.62 7.08 -8.56
N TYR A 355 -4.68 5.99 -7.78
CA TYR A 355 -3.75 4.88 -7.85
C TYR A 355 -4.45 3.72 -8.56
N PHE A 356 -3.73 3.09 -9.50
CA PHE A 356 -4.32 2.02 -10.33
C PHE A 356 -3.43 0.78 -10.35
N TYR A 357 -4.03 -0.38 -10.57
CA TYR A 357 -3.28 -1.61 -10.79
C TYR A 357 -2.56 -1.52 -12.12
N GLN A 358 -1.47 -2.28 -12.28
CA GLN A 358 -0.80 -2.41 -13.57
C GLN A 358 -0.29 -3.84 -13.63
N ASP A 359 -0.07 -4.35 -14.84
CA ASP A 359 0.36 -5.74 -15.03
C ASP A 359 1.73 -5.95 -14.38
N LYS A 360 1.93 -7.11 -13.76
CA LYS A 360 3.24 -7.43 -13.19
C LYS A 360 4.23 -7.74 -14.30
N PRO A 361 5.53 -7.49 -14.06
CA PRO A 361 6.53 -7.63 -15.12
C PRO A 361 7.12 -9.05 -15.23
N TYR A 362 6.62 -9.97 -14.42
CA TYR A 362 7.09 -11.35 -14.46
C TYR A 362 5.87 -12.29 -14.59
N GLU A 363 6.12 -13.51 -15.08
CA GLU A 363 5.10 -14.51 -15.47
C GLU A 363 4.54 -14.30 -16.90
#